data_9DU9
#
_entry.id   9DU9
#
_cell.length_a   57.437
_cell.length_b   79.552
_cell.length_c   91.796
_cell.angle_alpha   90.00
_cell.angle_beta   90.00
_cell.angle_gamma   90.00
#
_symmetry.space_group_name_H-M   'P 21 21 21'
#
loop_
_entity.id
_entity.type
_entity.pdbx_description
1 polymer 'ADP-ribose pyrophosphatase'
2 non-polymer "GUANOSINE-5'-DIPHOSPHATE"
3 non-polymer 'MAGNESIUM ION'
4 water water
#
_entity_poly.entity_id   1
_entity_poly.type   'polypeptide(L)'
_entity_poly.pdbx_seq_one_letter_code
;MAHHHHHHMSKPTQQGITFSKNDVEIIARETLYRGFFSLDLYRFRHRLFNGGMSGEITREIFERGHAAVLLPFDPVRDEV
VLVEQIRIAAYDTSESPWLLEMVAGMIEAGETVEDVARREALEEAGLEVGRTKPILSYLASPGGTSERLSILVGEVDAST
AKGIHGLAEENEDIRVHVVSREQAYQWVEEGKIDNAASVIALQWLQLHYHNLRNEWTK
;
_entity_poly.pdbx_strand_id   A,B
#
loop_
_chem_comp.id
_chem_comp.type
_chem_comp.name
_chem_comp.formula
GDP RNA linking GUANOSINE-5'-DIPHOSPHATE 'C10 H15 N5 O11 P2'
MG non-polymer 'MAGNESIUM ION' 'Mg 2'
#
# COMPACT_ATOMS: atom_id res chain seq x y z
N GLY A 16 16.49 8.36 13.56
CA GLY A 16 15.45 8.63 12.58
C GLY A 16 15.93 9.35 11.33
N ILE A 17 15.01 10.00 10.63
CA ILE A 17 15.36 10.66 9.37
C ILE A 17 16.32 11.82 9.64
N THR A 18 16.97 12.26 8.56
CA THR A 18 18.09 13.20 8.61
C THR A 18 17.67 14.62 8.30
N PHE A 19 16.75 14.80 7.35
CA PHE A 19 16.43 16.11 6.83
C PHE A 19 14.94 16.40 7.00
N SER A 20 14.62 17.68 6.98
CA SER A 20 13.29 18.21 7.23
C SER A 20 12.86 19.05 6.03
N LYS A 21 11.68 19.67 6.15
CA LYS A 21 11.22 20.58 5.11
C LYS A 21 12.09 21.83 4.98
N ASN A 22 12.93 22.13 5.97
CA ASN A 22 13.90 23.21 5.81
C ASN A 22 14.96 22.87 4.76
N ASP A 23 15.06 21.60 4.36
CA ASP A 23 16.15 21.10 3.54
C ASP A 23 15.73 20.82 2.11
N VAL A 24 14.51 21.18 1.73
CA VAL A 24 14.02 20.97 0.37
C VAL A 24 13.23 22.20 -0.03
N GLU A 25 13.36 22.61 -1.29
CA GLU A 25 12.53 23.67 -1.85
C GLU A 25 11.83 23.10 -3.07
N ILE A 26 10.50 23.20 -3.10
CA ILE A 26 9.74 22.90 -4.30
C ILE A 26 9.66 24.20 -5.10
N ILE A 27 10.32 24.22 -6.25
CA ILE A 27 10.42 25.43 -7.07
C ILE A 27 9.10 25.71 -7.77
N ALA A 28 8.45 24.67 -8.29
CA ALA A 28 7.23 24.82 -9.08
C ALA A 28 6.58 23.46 -9.18
N ARG A 29 5.30 23.46 -9.53
CA ARG A 29 4.60 22.25 -9.94
C ARG A 29 3.90 22.53 -11.25
N GLU A 30 3.95 21.59 -12.18
CA GLU A 30 3.35 21.77 -13.49
C GLU A 30 2.28 20.70 -13.69
N THR A 31 1.09 21.11 -14.12
CA THR A 31 0.05 20.14 -14.42
C THR A 31 0.37 19.47 -15.74
N LEU A 32 0.66 18.18 -15.70
CA LEU A 32 0.92 17.39 -16.90
C LEU A 32 -0.36 16.85 -17.50
N TYR A 33 -1.32 16.51 -16.64
CA TYR A 33 -2.61 16.00 -17.08
C TYR A 33 -3.63 16.43 -16.05
N ARG A 34 -4.74 17.00 -16.49
N ARG A 34 -4.78 16.92 -16.53
CA ARG A 34 -5.84 17.30 -15.59
CA ARG A 34 -5.88 17.37 -15.70
C ARG A 34 -7.11 16.66 -16.13
C ARG A 34 -7.14 16.64 -16.19
N GLY A 35 -7.63 15.69 -15.39
CA GLY A 35 -8.88 15.03 -15.71
C GLY A 35 -9.64 14.76 -14.44
N PHE A 36 -10.18 13.56 -14.29
CA PHE A 36 -10.75 13.20 -12.99
C PHE A 36 -9.69 13.23 -11.91
N PHE A 37 -8.51 12.69 -12.21
CA PHE A 37 -7.31 12.80 -11.41
C PHE A 37 -6.34 13.73 -12.14
N SER A 38 -5.19 13.98 -11.51
CA SER A 38 -4.17 14.82 -12.10
C SER A 38 -2.82 14.14 -12.03
N LEU A 39 -1.94 14.51 -12.95
CA LEU A 39 -0.54 14.15 -12.89
C LEU A 39 0.23 15.46 -12.90
N ASP A 40 1.07 15.68 -11.89
CA ASP A 40 1.81 16.91 -11.72
C ASP A 40 3.30 16.62 -11.77
N LEU A 41 4.05 17.53 -12.37
CA LEU A 41 5.51 17.49 -12.31
C LEU A 41 5.96 18.39 -11.16
N TYR A 42 6.56 17.79 -10.13
CA TYR A 42 7.19 18.58 -9.09
C TYR A 42 8.62 18.89 -9.51
N ARG A 43 9.01 20.16 -9.39
CA ARG A 43 10.38 20.61 -9.62
C ARG A 43 10.94 21.05 -8.28
N PHE A 44 12.09 20.49 -7.89
CA PHE A 44 12.57 20.72 -6.53
C PHE A 44 14.08 20.53 -6.45
N ARG A 45 14.65 21.07 -5.37
CA ARG A 45 16.04 20.82 -5.01
C ARG A 45 16.06 20.41 -3.55
N HIS A 46 17.08 19.65 -3.14
CA HIS A 46 17.11 19.14 -1.79
C HIS A 46 18.53 18.87 -1.35
N ARG A 47 18.74 18.89 -0.04
CA ARG A 47 20.05 18.58 0.51
C ARG A 47 20.39 17.12 0.28
N LEU A 48 21.68 16.86 0.08
CA LEU A 48 22.23 15.54 -0.13
C LEU A 48 22.90 15.04 1.15
N PHE A 49 22.90 13.73 1.33
CA PHE A 49 23.52 13.16 2.52
C PHE A 49 25.01 13.48 2.60
N ASN A 50 25.68 13.69 1.47
CA ASN A 50 27.11 14.02 1.46
C ASN A 50 27.41 15.46 1.85
N GLY A 51 26.39 16.29 2.07
CA GLY A 51 26.59 17.64 2.53
C GLY A 51 26.29 18.73 1.51
N GLY A 52 26.05 18.38 0.25
CA GLY A 52 25.78 19.36 -0.77
C GLY A 52 24.30 19.56 -1.01
N MET A 53 24.00 20.32 -2.05
CA MET A 53 22.66 20.53 -2.57
C MET A 53 22.54 19.84 -3.92
N SER A 54 21.39 19.21 -4.15
CA SER A 54 21.12 18.64 -5.46
C SER A 54 20.95 19.77 -6.48
N GLY A 55 20.99 19.39 -7.76
CA GLY A 55 20.47 20.24 -8.80
C GLY A 55 18.96 20.22 -8.81
N GLU A 56 18.38 20.80 -9.85
CA GLU A 56 16.93 20.77 -9.98
C GLU A 56 16.47 19.38 -10.41
N ILE A 57 15.62 18.77 -9.59
CA ILE A 57 15.09 17.43 -9.82
C ILE A 57 13.64 17.60 -10.25
N THR A 58 13.18 16.75 -11.15
CA THR A 58 11.76 16.68 -11.47
C THR A 58 11.25 15.27 -11.24
N ARG A 59 10.00 15.19 -10.79
CA ARG A 59 9.32 13.91 -10.59
C ARG A 59 7.86 14.04 -10.99
N GLU A 60 7.37 13.04 -11.73
CA GLU A 60 5.95 12.95 -12.07
C GLU A 60 5.20 12.32 -10.92
N ILE A 61 4.13 12.97 -10.46
CA ILE A 61 3.41 12.56 -9.26
C ILE A 61 1.93 12.48 -9.58
N PHE A 62 1.33 11.30 -9.35
CA PHE A 62 -0.10 11.08 -9.52
C PHE A 62 -0.85 11.67 -8.33
N GLU A 63 -1.73 12.62 -8.60
CA GLU A 63 -2.50 13.34 -7.59
C GLU A 63 -3.95 12.91 -7.70
N ARG A 64 -4.42 12.17 -6.72
CA ARG A 64 -5.78 11.64 -6.75
C ARG A 64 -6.50 11.84 -5.41
N GLY A 65 -6.06 12.82 -4.63
CA GLY A 65 -6.65 13.00 -3.32
C GLY A 65 -6.26 11.88 -2.37
N HIS A 66 -7.01 11.80 -1.27
CA HIS A 66 -6.69 10.94 -0.14
C HIS A 66 -7.93 10.22 0.32
N ALA A 67 -7.73 9.13 1.07
CA ALA A 67 -8.82 8.21 1.33
C ALA A 67 -8.98 7.92 2.81
N ALA A 68 -10.20 7.56 3.18
CA ALA A 68 -10.52 6.98 4.47
C ALA A 68 -10.86 5.51 4.26
N VAL A 69 -10.34 4.65 5.12
CA VAL A 69 -10.52 3.21 5.01
C VAL A 69 -11.08 2.70 6.33
N LEU A 70 -12.07 1.81 6.26
CA LEU A 70 -12.69 1.25 7.45
C LEU A 70 -12.55 -0.27 7.43
N LEU A 71 -11.92 -0.82 8.47
CA LEU A 71 -11.96 -2.26 8.75
C LEU A 71 -13.19 -2.51 9.60
N PRO A 72 -14.25 -3.15 9.06
CA PRO A 72 -15.44 -3.41 9.89
C PRO A 72 -15.26 -4.71 10.64
N PHE A 73 -15.11 -4.61 11.95
CA PHE A 73 -14.80 -5.74 12.82
C PHE A 73 -15.92 -5.93 13.83
N ASP A 74 -16.42 -7.16 13.91
CA ASP A 74 -17.42 -7.51 14.92
C ASP A 74 -16.67 -8.18 16.05
N PRO A 75 -16.49 -7.52 17.20
CA PRO A 75 -15.67 -8.10 18.27
C PRO A 75 -16.39 -9.18 19.05
N VAL A 76 -17.72 -9.22 19.01
CA VAL A 76 -18.45 -10.30 19.67
C VAL A 76 -18.27 -11.59 18.90
N ARG A 77 -18.43 -11.53 17.58
N ARG A 77 -18.46 -11.55 17.58
CA ARG A 77 -18.39 -12.72 16.74
CA ARG A 77 -18.38 -12.74 16.75
C ARG A 77 -17.01 -13.00 16.18
C ARG A 77 -16.98 -13.05 16.25
N ASP A 78 -16.05 -12.09 16.35
CA ASP A 78 -14.71 -12.24 15.79
C ASP A 78 -14.78 -12.39 14.27
N GLU A 79 -15.57 -11.52 13.65
CA GLU A 79 -15.83 -11.57 12.21
C GLU A 79 -15.41 -10.25 11.56
N VAL A 80 -15.08 -10.33 10.28
CA VAL A 80 -14.71 -9.18 9.46
C VAL A 80 -15.66 -9.11 8.27
N VAL A 81 -16.05 -7.89 7.92
CA VAL A 81 -16.86 -7.64 6.73
C VAL A 81 -15.94 -7.16 5.62
N LEU A 82 -16.02 -7.83 4.48
CA LEU A 82 -15.28 -7.49 3.27
C LEU A 82 -16.27 -7.03 2.22
N VAL A 83 -15.81 -6.16 1.32
CA VAL A 83 -16.60 -5.76 0.16
C VAL A 83 -15.88 -6.17 -1.12
N GLU A 84 -16.65 -6.67 -2.07
CA GLU A 84 -16.13 -7.14 -3.36
C GLU A 84 -16.62 -6.22 -4.46
N GLN A 85 -15.69 -5.73 -5.29
CA GLN A 85 -16.05 -4.91 -6.43
C GLN A 85 -14.92 -4.98 -7.45
N ILE A 86 -15.25 -4.66 -8.69
CA ILE A 86 -14.24 -4.67 -9.75
C ILE A 86 -13.31 -3.47 -9.58
N ARG A 87 -12.01 -3.72 -9.76
CA ARG A 87 -10.99 -2.67 -9.82
C ARG A 87 -10.22 -2.96 -11.10
N ILE A 88 -10.56 -2.25 -12.18
CA ILE A 88 -10.02 -2.60 -13.49
C ILE A 88 -8.49 -2.52 -13.51
N ALA A 89 -7.90 -1.63 -12.72
CA ALA A 89 -6.44 -1.53 -12.68
C ALA A 89 -5.75 -2.81 -12.22
N ALA A 90 -6.45 -3.67 -11.49
CA ALA A 90 -5.88 -4.94 -11.08
C ALA A 90 -5.76 -5.93 -12.22
N TYR A 91 -6.41 -5.70 -13.37
CA TYR A 91 -6.58 -6.71 -14.40
C TYR A 91 -5.26 -7.33 -14.86
N ASP A 92 -4.26 -6.50 -15.17
CA ASP A 92 -3.08 -7.00 -15.85
C ASP A 92 -2.20 -7.91 -14.99
N THR A 93 -2.31 -7.83 -13.67
CA THR A 93 -1.42 -8.58 -12.79
C THR A 93 -2.15 -9.52 -11.84
N SER A 94 -3.46 -9.70 -12.01
CA SER A 94 -4.26 -10.43 -11.05
C SER A 94 -5.07 -11.49 -11.78
N GLU A 95 -5.49 -12.51 -11.02
CA GLU A 95 -6.32 -13.55 -11.61
C GLU A 95 -7.68 -12.99 -12.00
N SER A 96 -8.20 -12.05 -11.23
CA SER A 96 -9.47 -11.42 -11.56
C SER A 96 -9.41 -9.98 -11.11
N PRO A 97 -10.07 -9.06 -11.82
CA PRO A 97 -10.11 -7.67 -11.35
C PRO A 97 -11.11 -7.43 -10.23
N TRP A 98 -11.96 -8.40 -9.89
CA TRP A 98 -12.81 -8.25 -8.71
C TRP A 98 -11.98 -8.56 -7.48
N LEU A 99 -11.92 -7.61 -6.55
CA LEU A 99 -11.10 -7.70 -5.35
C LEU A 99 -11.97 -7.72 -4.09
N LEU A 100 -11.45 -8.36 -3.05
CA LEU A 100 -12.02 -8.31 -1.70
C LEU A 100 -11.26 -7.23 -0.93
N GLU A 101 -11.99 -6.23 -0.42
CA GLU A 101 -11.35 -5.03 0.11
CA GLU A 101 -11.40 -4.99 0.07
C GLU A 101 -12.08 -4.52 1.34
N MET A 102 -11.48 -3.50 1.96
CA MET A 102 -12.09 -2.75 3.03
C MET A 102 -13.04 -1.69 2.46
N VAL A 103 -14.04 -1.33 3.24
CA VAL A 103 -14.84 -0.15 2.96
C VAL A 103 -13.90 1.04 2.87
N ALA A 104 -14.08 1.89 1.85
CA ALA A 104 -13.14 2.99 1.66
C ALA A 104 -13.75 4.05 0.74
N GLY A 105 -13.35 5.30 0.96
CA GLY A 105 -13.79 6.35 0.06
C GLY A 105 -12.90 7.58 0.09
N MET A 106 -13.11 8.42 -0.91
CA MET A 106 -12.35 9.65 -1.03
C MET A 106 -12.77 10.65 0.04
N ILE A 107 -11.80 11.36 0.59
CA ILE A 107 -12.09 12.43 1.54
C ILE A 107 -12.13 13.73 0.76
N GLU A 108 -13.28 14.40 0.78
CA GLU A 108 -13.43 15.69 0.14
C GLU A 108 -13.04 16.80 1.10
N ALA A 109 -13.02 18.02 0.58
CA ALA A 109 -12.58 19.18 1.36
C ALA A 109 -13.44 19.35 2.60
N GLY A 110 -12.78 19.51 3.75
CA GLY A 110 -13.45 19.79 5.00
C GLY A 110 -14.08 18.60 5.69
N GLU A 111 -13.96 17.39 5.15
CA GLU A 111 -14.53 16.21 5.77
C GLU A 111 -13.52 15.55 6.70
N THR A 112 -14.03 14.84 7.70
CA THR A 112 -13.16 14.06 8.57
C THR A 112 -13.05 12.63 8.05
N VAL A 113 -11.94 11.98 8.41
CA VAL A 113 -11.74 10.57 8.07
C VAL A 113 -12.92 9.75 8.56
N GLU A 114 -13.34 9.99 9.81
CA GLU A 114 -14.38 9.17 10.41
C GLU A 114 -15.73 9.38 9.74
N ASP A 115 -16.04 10.63 9.35
CA ASP A 115 -17.30 10.87 8.67
C ASP A 115 -17.35 10.16 7.32
N VAL A 116 -16.23 10.17 6.60
CA VAL A 116 -16.18 9.45 5.33
C VAL A 116 -16.32 7.96 5.56
N ALA A 117 -15.61 7.42 6.54
CA ALA A 117 -15.67 5.99 6.82
C ALA A 117 -17.09 5.54 7.15
N ARG A 118 -17.82 6.33 7.94
CA ARG A 118 -19.18 5.96 8.30
C ARG A 118 -20.12 6.04 7.10
N ARG A 119 -19.98 7.09 6.28
CA ARG A 119 -20.83 7.21 5.10
C ARG A 119 -20.59 6.05 4.13
N GLU A 120 -19.31 5.73 3.89
CA GLU A 120 -19.01 4.63 2.97
C GLU A 120 -19.44 3.29 3.53
N ALA A 121 -19.34 3.10 4.85
CA ALA A 121 -19.81 1.84 5.44
C ALA A 121 -21.30 1.64 5.17
N LEU A 122 -22.09 2.70 5.22
CA LEU A 122 -23.50 2.60 4.91
C LEU A 122 -23.73 2.39 3.42
N GLU A 123 -23.04 3.17 2.58
CA GLU A 123 -23.27 3.10 1.14
C GLU A 123 -22.77 1.79 0.54
N GLU A 124 -21.65 1.29 1.05
CA GLU A 124 -20.97 0.15 0.45
C GLU A 124 -21.31 -1.18 1.12
N ALA A 125 -21.75 -1.16 2.38
CA ALA A 125 -22.02 -2.40 3.08
C ALA A 125 -23.32 -2.38 3.88
N GLY A 126 -24.07 -1.29 3.85
CA GLY A 126 -25.29 -1.21 4.64
C GLY A 126 -25.05 -1.28 6.13
N LEU A 127 -23.87 -0.86 6.60
CA LEU A 127 -23.44 -1.08 7.96
C LEU A 127 -23.47 0.21 8.77
N GLU A 128 -24.09 0.12 9.95
CA GLU A 128 -23.87 1.12 10.98
C GLU A 128 -22.60 0.78 11.75
N VAL A 129 -21.92 1.80 12.22
CA VAL A 129 -20.65 1.64 12.92
C VAL A 129 -20.82 2.14 14.34
N GLY A 130 -20.27 1.41 15.30
CA GLY A 130 -20.29 1.83 16.69
C GLY A 130 -19.04 2.60 17.04
N ARG A 131 -18.26 2.06 17.97
CA ARG A 131 -16.99 2.68 18.36
C ARG A 131 -15.98 2.56 17.21
N THR A 132 -14.99 3.45 17.23
CA THR A 132 -13.91 3.39 16.24
C THR A 132 -12.58 3.67 16.91
N LYS A 133 -11.51 3.17 16.30
CA LYS A 133 -10.15 3.40 16.75
C LYS A 133 -9.28 3.54 15.51
N PRO A 134 -8.30 4.43 15.51
CA PRO A 134 -7.37 4.47 14.38
C PRO A 134 -6.52 3.22 14.33
N ILE A 135 -6.23 2.79 13.10
CA ILE A 135 -5.22 1.75 12.87
C ILE A 135 -3.91 2.46 12.53
N LEU A 136 -3.81 2.95 11.29
N LEU A 136 -3.82 2.98 11.31
CA LEU A 136 -2.59 3.52 10.73
CA LEU A 136 -2.68 3.80 10.94
C LEU A 136 -2.96 4.39 9.54
C LEU A 136 -3.02 4.50 9.64
N SER A 137 -2.15 5.42 9.27
CA SER A 137 -2.30 6.22 8.07
C SER A 137 -1.04 6.05 7.25
N TYR A 138 -1.19 5.68 5.98
CA TYR A 138 -0.03 5.29 5.17
C TYR A 138 -0.05 5.93 3.79
N LEU A 139 1.14 6.08 3.23
CA LEU A 139 1.32 6.50 1.86
C LEU A 139 1.29 5.26 0.97
N ALA A 140 0.37 5.24 -0.01
CA ALA A 140 0.19 4.05 -0.84
C ALA A 140 1.45 3.68 -1.63
N SER A 141 2.11 4.66 -2.23
CA SER A 141 3.28 4.38 -3.06
C SER A 141 3.98 5.71 -3.31
N PRO A 142 4.72 6.22 -2.31
CA PRO A 142 5.13 7.62 -2.35
C PRO A 142 6.22 7.94 -3.36
N GLY A 143 6.79 6.96 -4.05
CA GLY A 143 7.67 7.28 -5.16
C GLY A 143 6.96 7.86 -6.37
N GLY A 144 5.65 7.68 -6.48
CA GLY A 144 4.94 8.12 -7.66
C GLY A 144 3.56 8.71 -7.42
N THR A 145 3.02 8.62 -6.21
CA THR A 145 1.72 9.22 -5.92
C THR A 145 1.74 9.83 -4.52
N SER A 146 0.98 10.91 -4.34
CA SER A 146 0.87 11.55 -3.04
C SER A 146 -0.17 10.87 -2.16
N GLU A 147 -0.88 9.87 -2.65
CA GLU A 147 -2.06 9.38 -1.95
C GLU A 147 -1.73 8.85 -0.56
N ARG A 148 -2.46 9.35 0.42
CA ARG A 148 -2.44 8.87 1.79
C ARG A 148 -3.80 8.28 2.12
N LEU A 149 -3.79 7.14 2.81
CA LEU A 149 -5.02 6.47 3.23
C LEU A 149 -4.99 6.31 4.73
N SER A 150 -6.06 6.73 5.40
CA SER A 150 -6.14 6.65 6.85
C SER A 150 -7.13 5.56 7.22
N ILE A 151 -6.64 4.53 7.91
CA ILE A 151 -7.44 3.36 8.25
C ILE A 151 -7.94 3.47 9.68
N LEU A 152 -9.24 3.22 9.87
CA LEU A 152 -9.86 3.05 11.17
C LEU A 152 -10.40 1.63 11.27
N VAL A 153 -10.47 1.09 12.49
CA VAL A 153 -11.28 -0.09 12.77
C VAL A 153 -12.60 0.38 13.35
N GLY A 154 -13.70 -0.18 12.84
CA GLY A 154 -15.02 0.21 13.28
C GLY A 154 -15.79 -0.97 13.81
N GLU A 155 -16.41 -0.79 14.98
CA GLU A 155 -17.21 -1.83 15.63
C GLU A 155 -18.51 -2.03 14.86
N VAL A 156 -18.76 -3.26 14.41
CA VAL A 156 -19.97 -3.55 13.65
C VAL A 156 -20.61 -4.83 14.17
N ASP A 157 -21.89 -4.99 13.84
CA ASP A 157 -22.61 -6.26 14.05
C ASP A 157 -22.61 -6.95 12.69
N ALA A 158 -21.75 -7.96 12.53
CA ALA A 158 -21.59 -8.56 11.22
C ALA A 158 -22.84 -9.28 10.75
N SER A 159 -23.76 -9.61 11.67
CA SER A 159 -25.01 -10.24 11.25
C SER A 159 -25.87 -9.29 10.41
N THR A 160 -25.61 -7.99 10.47
CA THR A 160 -26.35 -7.01 9.66
C THR A 160 -25.68 -6.72 8.33
N ALA A 161 -24.55 -7.36 8.04
CA ALA A 161 -23.78 -7.10 6.83
C ALA A 161 -24.10 -8.19 5.80
N LYS A 162 -24.75 -7.80 4.71
CA LYS A 162 -25.13 -8.76 3.68
C LYS A 162 -25.69 -8.02 2.48
N GLY A 163 -25.59 -8.66 1.33
CA GLY A 163 -26.29 -8.20 0.14
C GLY A 163 -25.41 -7.36 -0.78
N ILE A 164 -26.09 -6.71 -1.73
CA ILE A 164 -25.47 -5.93 -2.79
C ILE A 164 -25.71 -4.46 -2.50
N HIS A 165 -24.63 -3.67 -2.56
CA HIS A 165 -24.67 -2.27 -2.20
C HIS A 165 -23.88 -1.48 -3.25
N GLY A 166 -23.40 -0.31 -2.86
CA GLY A 166 -22.82 0.62 -3.81
C GLY A 166 -23.85 1.54 -4.42
N LEU A 167 -23.42 2.76 -4.70
CA LEU A 167 -24.28 3.74 -5.35
C LEU A 167 -24.37 3.40 -6.83
N ALA A 168 -25.51 2.84 -7.25
CA ALA A 168 -25.68 2.43 -8.64
C ALA A 168 -25.58 3.62 -9.58
N GLU A 169 -26.04 4.80 -9.16
CA GLU A 169 -25.93 6.00 -9.97
C GLU A 169 -24.49 6.48 -10.13
N GLU A 170 -23.53 5.76 -9.54
CA GLU A 170 -22.12 6.10 -9.66
C GLU A 170 -21.29 4.92 -10.17
N ASN A 171 -21.94 3.95 -10.82
CA ASN A 171 -21.27 2.75 -11.34
C ASN A 171 -20.55 1.98 -10.24
N GLU A 172 -21.14 1.94 -9.05
CA GLU A 172 -20.59 1.24 -7.90
C GLU A 172 -21.46 0.02 -7.64
N ASP A 173 -20.90 -1.18 -7.83
CA ASP A 173 -21.61 -2.45 -7.65
C ASP A 173 -20.77 -3.28 -6.70
N ILE A 174 -21.28 -3.53 -5.50
CA ILE A 174 -20.47 -4.02 -4.38
C ILE A 174 -21.20 -5.17 -3.71
N ARG A 175 -20.50 -6.27 -3.47
CA ARG A 175 -21.06 -7.42 -2.77
C ARG A 175 -20.41 -7.56 -1.40
N VAL A 176 -21.24 -7.70 -0.37
CA VAL A 176 -20.74 -7.88 1.00
C VAL A 176 -20.42 -9.35 1.22
N HIS A 177 -19.25 -9.61 1.83
CA HIS A 177 -18.87 -10.93 2.32
C HIS A 177 -18.52 -10.83 3.80
N VAL A 178 -18.97 -11.80 4.58
CA VAL A 178 -18.61 -11.87 6.00
C VAL A 178 -17.80 -13.14 6.20
N VAL A 179 -16.65 -13.00 6.86
CA VAL A 179 -15.75 -14.11 7.16
C VAL A 179 -15.31 -13.97 8.61
N SER A 180 -14.80 -15.07 9.17
CA SER A 180 -14.14 -14.90 10.47
C SER A 180 -12.82 -14.16 10.30
N ARG A 181 -12.35 -13.56 11.39
CA ARG A 181 -11.04 -12.90 11.36
C ARG A 181 -9.96 -13.86 10.89
N GLU A 182 -9.95 -15.08 11.43
CA GLU A 182 -8.90 -16.02 11.05
C GLU A 182 -9.00 -16.38 9.57
N GLN A 183 -10.24 -16.48 9.07
CA GLN A 183 -10.46 -16.74 7.65
C GLN A 183 -9.92 -15.60 6.79
N ALA A 184 -10.21 -14.35 7.16
CA ALA A 184 -9.72 -13.22 6.40
C ALA A 184 -8.20 -13.19 6.38
N TYR A 185 -7.58 -13.48 7.51
CA TYR A 185 -6.12 -13.44 7.56
C TYR A 185 -5.51 -14.56 6.74
N GLN A 186 -6.10 -15.76 6.79
CA GLN A 186 -5.66 -16.83 5.91
C GLN A 186 -5.73 -16.41 4.45
N TRP A 187 -6.77 -15.66 4.09
CA TRP A 187 -6.88 -15.18 2.70
C TRP A 187 -5.77 -14.20 2.36
N VAL A 188 -5.33 -13.38 3.32
CA VAL A 188 -4.14 -12.55 3.09
C VAL A 188 -2.92 -13.44 2.86
N GLU A 189 -2.73 -14.44 3.72
CA GLU A 189 -1.56 -15.30 3.59
C GLU A 189 -1.52 -15.99 2.24
N GLU A 190 -2.69 -16.41 1.74
CA GLU A 190 -2.77 -17.16 0.48
C GLU A 190 -2.78 -16.27 -0.76
N GLY A 191 -2.82 -14.95 -0.59
CA GLY A 191 -2.88 -14.05 -1.72
C GLY A 191 -4.27 -13.79 -2.26
N LYS A 192 -5.32 -14.31 -1.61
CA LYS A 192 -6.69 -14.04 -2.05
C LYS A 192 -7.13 -12.62 -1.71
N ILE A 193 -6.53 -12.02 -0.69
CA ILE A 193 -6.67 -10.61 -0.39
C ILE A 193 -5.28 -10.02 -0.56
N ASP A 194 -5.12 -9.08 -1.50
CA ASP A 194 -3.79 -8.62 -1.85
C ASP A 194 -3.77 -7.16 -2.28
N ASN A 195 -4.63 -6.33 -1.69
CA ASN A 195 -4.56 -4.90 -1.87
C ASN A 195 -4.04 -4.28 -0.58
N ALA A 196 -3.24 -3.23 -0.70
CA ALA A 196 -2.51 -2.69 0.45
C ALA A 196 -3.41 -2.39 1.64
N ALA A 197 -4.54 -1.73 1.41
CA ALA A 197 -5.37 -1.28 2.53
C ALA A 197 -5.86 -2.48 3.35
N SER A 198 -6.28 -3.54 2.67
CA SER A 198 -6.78 -4.72 3.37
C SER A 198 -5.66 -5.50 4.03
N VAL A 199 -4.51 -5.64 3.36
CA VAL A 199 -3.38 -6.34 3.95
C VAL A 199 -2.94 -5.64 5.22
N ILE A 200 -2.79 -4.31 5.15
CA ILE A 200 -2.36 -3.56 6.33
C ILE A 200 -3.38 -3.69 7.46
N ALA A 201 -4.66 -3.51 7.14
CA ALA A 201 -5.70 -3.57 8.17
C ALA A 201 -5.75 -4.95 8.81
N LEU A 202 -5.66 -6.01 8.01
CA LEU A 202 -5.83 -7.36 8.55
C LEU A 202 -4.58 -7.84 9.27
N GLN A 203 -3.39 -7.44 8.83
CA GLN A 203 -2.19 -7.73 9.61
C GLN A 203 -2.26 -7.00 10.96
N TRP A 204 -2.70 -5.73 10.95
CA TRP A 204 -2.87 -5.03 12.21
C TRP A 204 -3.83 -5.77 13.11
N LEU A 205 -4.95 -6.23 12.55
CA LEU A 205 -5.93 -6.93 13.35
C LEU A 205 -5.35 -8.20 13.96
N GLN A 206 -4.52 -8.92 13.21
N GLN A 206 -4.54 -8.94 13.21
CA GLN A 206 -3.90 -10.13 13.72
CA GLN A 206 -3.91 -10.13 13.80
C GLN A 206 -2.93 -9.83 14.86
C GLN A 206 -3.04 -9.76 14.98
N LEU A 207 -2.37 -8.61 14.91
CA LEU A 207 -1.47 -8.20 15.97
C LEU A 207 -2.21 -7.59 17.16
N HIS A 208 -3.46 -7.15 16.99
CA HIS A 208 -4.15 -6.40 18.03
C HIS A 208 -5.50 -6.95 18.46
N TYR A 209 -5.97 -8.06 17.89
CA TYR A 209 -7.36 -8.46 18.11
C TYR A 209 -7.65 -8.81 19.57
N HIS A 210 -6.67 -9.37 20.28
CA HIS A 210 -6.94 -9.79 21.65
C HIS A 210 -7.29 -8.59 22.52
N ASN A 211 -6.46 -7.55 22.48
CA ASN A 211 -6.74 -6.35 23.25
C ASN A 211 -7.99 -5.64 22.73
N LEU A 212 -8.20 -5.63 21.42
CA LEU A 212 -9.36 -4.93 20.87
C LEU A 212 -10.66 -5.62 21.28
N ARG A 213 -10.70 -6.95 21.20
CA ARG A 213 -11.90 -7.67 21.63
C ARG A 213 -12.18 -7.44 23.11
N ASN A 214 -11.12 -7.40 23.93
CA ASN A 214 -11.32 -7.14 25.35
C ASN A 214 -11.86 -5.73 25.59
N GLU A 215 -11.30 -4.74 24.89
CA GLU A 215 -11.76 -3.36 25.07
C GLU A 215 -13.22 -3.21 24.68
N TRP A 216 -13.66 -3.90 23.64
CA TRP A 216 -14.99 -3.70 23.08
C TRP A 216 -16.03 -4.69 23.58
N THR A 217 -15.65 -5.68 24.41
CA THR A 217 -16.62 -6.57 25.03
C THR A 217 -16.58 -6.53 26.55
N LYS A 218 -15.81 -5.62 27.13
CA LYS A 218 -15.67 -5.57 28.58
C LYS A 218 -15.30 -4.16 29.04
N GLN B 14 -15.93 -20.28 3.23
CA GLN B 14 -16.56 -19.47 2.19
C GLN B 14 -15.94 -19.74 0.83
N GLN B 15 -16.34 -18.97 -0.17
CA GLN B 15 -15.95 -19.22 -1.54
C GLN B 15 -15.10 -18.12 -2.16
N GLY B 16 -15.29 -16.86 -1.78
CA GLY B 16 -14.45 -15.79 -2.30
C GLY B 16 -15.12 -14.97 -3.38
N ILE B 17 -14.32 -14.49 -4.34
CA ILE B 17 -14.84 -13.58 -5.36
C ILE B 17 -15.84 -14.29 -6.27
N THR B 18 -16.63 -13.48 -6.95
CA THR B 18 -17.79 -13.92 -7.72
C THR B 18 -17.53 -14.03 -9.21
N PHE B 19 -16.65 -13.18 -9.76
CA PHE B 19 -16.49 -13.05 -11.19
C PHE B 19 -15.01 -13.13 -11.56
N SER B 20 -14.77 -13.43 -12.84
CA SER B 20 -13.46 -13.69 -13.42
C SER B 20 -13.24 -12.75 -14.60
N LYS B 21 -12.10 -12.94 -15.28
CA LYS B 21 -11.79 -12.13 -16.45
C LYS B 21 -12.80 -12.34 -17.57
N ASN B 22 -13.43 -13.51 -17.62
CA ASN B 22 -14.47 -13.75 -18.62
C ASN B 22 -15.68 -12.86 -18.42
N ASP B 23 -15.81 -12.21 -17.27
CA ASP B 23 -16.98 -11.42 -16.92
C ASP B 23 -16.77 -9.93 -17.14
N VAL B 24 -15.64 -9.54 -17.70
CA VAL B 24 -15.36 -8.15 -18.03
C VAL B 24 -14.83 -8.09 -19.44
N GLU B 25 -15.25 -7.08 -20.19
CA GLU B 25 -14.73 -6.81 -21.53
C GLU B 25 -14.05 -5.46 -21.50
N ILE B 26 -12.73 -5.45 -21.68
CA ILE B 26 -12.00 -4.19 -21.87
C ILE B 26 -12.17 -3.81 -23.33
N ILE B 27 -13.01 -2.81 -23.58
CA ILE B 27 -13.33 -2.39 -24.94
C ILE B 27 -12.13 -1.71 -25.57
N ALA B 28 -11.46 -0.84 -24.83
CA ALA B 28 -10.37 -0.05 -25.37
C ALA B 28 -9.54 0.51 -24.22
N ARG B 29 -8.27 0.74 -24.50
CA ARG B 29 -7.42 1.53 -23.64
C ARG B 29 -6.87 2.69 -24.44
N GLU B 30 -6.56 3.78 -23.74
CA GLU B 30 -6.07 4.99 -24.40
C GLU B 30 -5.02 5.63 -23.51
N THR B 31 -3.85 5.94 -24.04
CA THR B 31 -2.83 6.61 -23.25
C THR B 31 -3.08 8.12 -23.37
N LEU B 32 -3.44 8.75 -22.25
CA LEU B 32 -3.75 10.18 -22.18
C LEU B 32 -2.52 11.02 -21.90
N TYR B 33 -1.51 10.44 -21.26
CA TYR B 33 -0.25 11.11 -20.99
C TYR B 33 0.83 10.05 -20.99
N ARG B 34 1.95 10.35 -21.65
CA ARG B 34 3.11 9.47 -21.64
C ARG B 34 4.35 10.30 -21.38
N GLY B 35 5.04 10.00 -20.29
CA GLY B 35 6.33 10.60 -20.00
C GLY B 35 7.18 9.52 -19.37
N PHE B 36 7.71 9.76 -18.17
CA PHE B 36 8.36 8.67 -17.45
CA PHE B 36 8.37 8.68 -17.45
C PHE B 36 7.36 7.61 -17.05
N PHE B 37 6.20 8.02 -16.58
CA PHE B 37 5.06 7.16 -16.30
C PHE B 37 3.98 7.48 -17.32
N SER B 38 2.84 6.80 -17.21
CA SER B 38 1.73 7.01 -18.12
C SER B 38 0.43 7.12 -17.34
N LEU B 39 -0.53 7.82 -17.94
CA LEU B 39 -1.90 7.85 -17.45
C LEU B 39 -2.76 7.29 -18.57
N ASP B 40 -3.40 6.17 -18.30
CA ASP B 40 -4.20 5.47 -19.30
C ASP B 40 -5.68 5.58 -18.94
N LEU B 41 -6.52 5.58 -19.96
CA LEU B 41 -7.96 5.53 -19.78
C LEU B 41 -8.43 4.13 -20.19
N TYR B 42 -8.99 3.39 -19.25
CA TYR B 42 -9.55 2.08 -19.53
C TYR B 42 -11.03 2.25 -19.79
N ARG B 43 -11.52 1.64 -20.87
CA ARG B 43 -12.92 1.65 -21.23
C ARG B 43 -13.42 0.21 -21.21
N PHE B 44 -14.45 -0.07 -20.41
CA PHE B 44 -14.82 -1.46 -20.17
C PHE B 44 -16.28 -1.57 -19.75
N ARG B 45 -16.78 -2.80 -19.82
CA ARG B 45 -18.08 -3.16 -19.25
C ARG B 45 -17.92 -4.48 -18.49
N HIS B 46 -18.77 -4.69 -17.49
CA HIS B 46 -18.54 -5.82 -16.61
C HIS B 46 -19.87 -6.35 -16.07
N ARG B 47 -19.85 -7.63 -15.67
CA ARG B 47 -21.02 -8.24 -15.07
C ARG B 47 -21.37 -7.58 -13.75
N LEU B 48 -22.66 -7.49 -13.48
CA LEU B 48 -23.20 -6.96 -12.23
C LEU B 48 -23.61 -8.12 -11.34
N PHE B 49 -23.55 -7.88 -10.02
CA PHE B 49 -23.91 -8.93 -9.06
C PHE B 49 -25.37 -9.36 -9.21
N ASN B 50 -26.26 -8.45 -9.57
CA ASN B 50 -27.68 -8.76 -9.68
C ASN B 50 -28.07 -9.30 -11.05
N GLY B 51 -27.10 -9.57 -11.93
CA GLY B 51 -27.43 -10.29 -13.15
C GLY B 51 -26.80 -9.80 -14.44
N GLY B 52 -27.10 -8.57 -14.83
CA GLY B 52 -26.83 -8.13 -16.18
C GLY B 52 -25.40 -7.67 -16.41
N MET B 53 -25.23 -6.86 -17.45
CA MET B 53 -23.96 -6.23 -17.77
C MET B 53 -24.07 -4.73 -17.53
N SER B 54 -23.00 -4.14 -17.01
CA SER B 54 -22.94 -2.70 -16.88
C SER B 54 -22.92 -2.05 -18.26
N GLY B 55 -23.14 -0.74 -18.28
CA GLY B 55 -22.84 0.05 -19.45
C GLY B 55 -21.34 0.27 -19.56
N GLU B 56 -20.97 1.06 -20.56
CA GLU B 56 -19.56 1.39 -20.75
C GLU B 56 -19.08 2.30 -19.63
N ILE B 57 -17.95 1.95 -19.03
CA ILE B 57 -17.37 2.67 -17.90
C ILE B 57 -15.95 3.06 -18.29
N THR B 58 -15.53 4.26 -17.89
CA THR B 58 -14.15 4.68 -18.11
C THR B 58 -13.49 4.99 -16.78
N ARG B 59 -12.22 4.61 -16.67
CA ARG B 59 -11.44 4.88 -15.46
C ARG B 59 -10.05 5.32 -15.86
N GLU B 60 -9.56 6.38 -15.22
CA GLU B 60 -8.17 6.81 -15.37
C GLU B 60 -7.26 5.98 -14.48
N ILE B 61 -6.20 5.43 -15.05
CA ILE B 61 -5.31 4.51 -14.34
C ILE B 61 -3.87 4.98 -14.50
N PHE B 62 -3.20 5.18 -13.39
CA PHE B 62 -1.78 5.54 -13.36
C PHE B 62 -0.95 4.27 -13.59
N GLU B 63 -0.17 4.28 -14.67
CA GLU B 63 0.65 3.13 -15.06
C GLU B 63 2.11 3.49 -14.85
N ARG B 64 2.76 2.79 -13.94
CA ARG B 64 4.15 3.07 -13.64
C ARG B 64 4.97 1.80 -13.50
N GLY B 65 4.51 0.69 -14.08
CA GLY B 65 5.20 -0.57 -13.90
C GLY B 65 5.00 -1.13 -12.50
N HIS B 66 5.85 -2.09 -12.18
CA HIS B 66 5.73 -2.88 -10.97
C HIS B 66 7.09 -2.99 -10.29
N ALA B 67 7.06 -3.34 -9.00
CA ALA B 67 8.26 -3.23 -8.18
C ALA B 67 8.56 -4.53 -7.45
N ALA B 68 9.84 -4.71 -7.14
CA ALA B 68 10.32 -5.71 -6.20
C ALA B 68 10.80 -4.98 -4.96
N VAL B 69 10.47 -5.54 -3.80
CA VAL B 69 10.76 -4.92 -2.51
C VAL B 69 11.49 -5.94 -1.66
N LEU B 70 12.50 -5.50 -0.91
CA LEU B 70 13.26 -6.40 -0.06
C LEU B 70 13.32 -5.85 1.36
N LEU B 71 12.82 -6.62 2.32
CA LEU B 71 13.00 -6.32 3.73
C LEU B 71 14.33 -6.95 4.15
N PRO B 72 15.38 -6.17 4.46
CA PRO B 72 16.66 -6.76 4.89
C PRO B 72 16.62 -7.05 6.38
N PHE B 73 16.65 -8.34 6.74
CA PHE B 73 16.51 -8.80 8.11
C PHE B 73 17.76 -9.58 8.50
N ASP B 74 18.35 -9.21 9.62
CA ASP B 74 19.48 -9.95 10.19
C ASP B 74 18.92 -10.86 11.27
N PRO B 75 18.84 -12.16 11.04
CA PRO B 75 18.22 -13.06 12.04
C PRO B 75 19.12 -13.34 13.23
N VAL B 76 20.43 -13.13 13.08
CA VAL B 76 21.34 -13.30 14.21
C VAL B 76 21.13 -12.18 15.22
N ARG B 77 20.96 -10.96 14.74
N ARG B 77 20.96 -10.96 14.73
CA ARG B 77 20.87 -9.79 15.61
CA ARG B 77 20.88 -9.78 15.58
C ARG B 77 19.45 -9.28 15.82
C ARG B 77 19.46 -9.30 15.84
N ASP B 78 18.46 -9.85 15.13
CA ASP B 78 17.09 -9.37 15.22
C ASP B 78 17.02 -7.88 14.84
N GLU B 79 17.65 -7.55 13.72
CA GLU B 79 17.75 -6.17 13.27
C GLU B 79 17.27 -6.05 11.84
N VAL B 80 16.88 -4.83 11.48
N VAL B 80 16.81 -4.86 11.49
CA VAL B 80 16.38 -4.50 10.15
CA VAL B 80 16.45 -4.58 10.11
C VAL B 80 17.21 -3.34 9.60
C VAL B 80 17.29 -3.42 9.61
N VAL B 81 17.51 -3.39 8.31
CA VAL B 81 18.19 -2.30 7.63
C VAL B 81 17.12 -1.50 6.89
N LEU B 82 17.06 -0.20 7.16
CA LEU B 82 16.15 0.73 6.50
C LEU B 82 16.97 1.64 5.60
N VAL B 83 16.36 2.09 4.50
CA VAL B 83 16.99 3.06 3.62
C VAL B 83 16.19 4.35 3.67
N GLU B 84 16.89 5.48 3.75
CA GLU B 84 16.27 6.79 3.82
C GLU B 84 16.52 7.54 2.53
N GLN B 85 15.46 8.09 1.94
CA GLN B 85 15.61 8.96 0.78
C GLN B 85 14.39 9.86 0.68
N ILE B 86 14.55 10.95 -0.07
CA ILE B 86 13.44 11.88 -0.27
C ILE B 86 12.42 11.28 -1.24
N ARG B 87 11.16 11.40 -0.86
CA ARG B 87 10.03 11.05 -1.72
C ARG B 87 9.16 12.29 -1.75
N ILE B 88 9.32 13.12 -2.78
CA ILE B 88 8.70 14.43 -2.77
C ILE B 88 7.18 14.33 -2.71
N ALA B 89 6.59 13.25 -3.23
CA ALA B 89 5.14 13.10 -3.16
C ALA B 89 4.62 13.04 -1.74
N ALA B 90 5.47 12.70 -0.76
CA ALA B 90 5.04 12.66 0.63
C ALA B 90 4.90 14.05 1.23
N TYR B 91 5.42 15.08 0.55
CA TYR B 91 5.56 16.40 1.15
C TYR B 91 4.24 16.94 1.72
N ASP B 92 3.15 16.87 0.94
CA ASP B 92 1.95 17.61 1.32
C ASP B 92 1.24 17.01 2.53
N THR B 93 1.51 15.76 2.89
CA THR B 93 0.78 15.11 3.98
C THR B 93 1.70 14.60 5.07
N SER B 94 2.98 14.95 5.05
CA SER B 94 3.96 14.41 5.99
C SER B 94 4.80 15.55 6.55
N GLU B 95 5.34 15.36 7.75
CA GLU B 95 6.19 16.40 8.31
C GLU B 95 7.49 16.54 7.53
N SER B 96 8.02 15.43 7.01
CA SER B 96 9.19 15.49 6.13
C SER B 96 9.01 14.55 4.95
N PRO B 97 9.49 14.94 3.77
CA PRO B 97 9.43 14.02 2.63
C PRO B 97 10.54 12.97 2.62
N TRP B 98 11.51 13.02 3.53
CA TRP B 98 12.49 11.95 3.62
C TRP B 98 11.87 10.81 4.41
N LEU B 99 11.81 9.63 3.81
CA LEU B 99 11.11 8.49 4.40
C LEU B 99 12.09 7.37 4.71
N LEU B 100 11.74 6.58 5.73
CA LEU B 100 12.45 5.34 6.03
C LEU B 100 11.71 4.19 5.35
N GLU B 101 12.42 3.43 4.52
CA GLU B 101 11.77 2.52 3.59
C GLU B 101 12.54 1.22 3.44
N MET B 102 11.90 0.29 2.74
CA MET B 102 12.51 -0.94 2.28
C MET B 102 13.31 -0.68 1.02
N VAL B 103 14.33 -1.51 0.81
CA VAL B 103 14.98 -1.60 -0.49
C VAL B 103 13.93 -1.92 -1.54
N ALA B 104 13.96 -1.21 -2.67
CA ALA B 104 12.94 -1.46 -3.68
C ALA B 104 13.40 -0.94 -5.02
N GLY B 105 12.96 -1.62 -6.08
CA GLY B 105 13.27 -1.16 -7.42
C GLY B 105 12.26 -1.63 -8.45
N MET B 106 12.28 -0.97 -9.60
CA MET B 106 11.39 -1.33 -10.70
C MET B 106 11.82 -2.65 -11.34
N ILE B 107 10.85 -3.46 -11.73
CA ILE B 107 11.12 -4.69 -12.47
C ILE B 107 11.06 -4.37 -13.95
N GLU B 108 12.10 -4.77 -14.68
CA GLU B 108 12.14 -4.58 -16.13
C GLU B 108 11.64 -5.84 -16.83
N ALA B 109 11.62 -5.80 -18.16
CA ALA B 109 11.11 -6.92 -18.94
C ALA B 109 11.97 -8.16 -18.72
N GLY B 110 11.32 -9.27 -18.39
CA GLY B 110 12.00 -10.54 -18.21
C GLY B 110 12.75 -10.70 -16.90
N GLU B 111 12.84 -9.66 -16.09
CA GLU B 111 13.53 -9.75 -14.81
C GLU B 111 12.65 -10.42 -13.77
N THR B 112 13.27 -11.14 -12.85
CA THR B 112 12.54 -11.75 -11.76
C THR B 112 12.56 -10.84 -10.54
N VAL B 113 11.56 -11.03 -9.67
CA VAL B 113 11.50 -10.28 -8.42
C VAL B 113 12.80 -10.47 -7.63
N GLU B 114 13.27 -11.71 -7.53
CA GLU B 114 14.45 -11.99 -6.71
C GLU B 114 15.71 -11.33 -7.28
N ASP B 115 15.88 -11.35 -8.60
CA ASP B 115 17.04 -10.69 -9.18
C ASP B 115 17.02 -9.19 -8.93
N VAL B 116 15.85 -8.57 -9.06
CA VAL B 116 15.76 -7.13 -8.80
C VAL B 116 16.03 -6.83 -7.33
N ALA B 117 15.43 -7.62 -6.43
CA ALA B 117 15.61 -7.39 -5.01
C ALA B 117 17.08 -7.48 -4.61
N ARG B 118 17.79 -8.49 -5.10
CA ARG B 118 19.20 -8.65 -4.74
C ARG B 118 20.05 -7.53 -5.32
N ARG B 119 19.77 -7.12 -6.55
N ARG B 119 19.78 -7.12 -6.56
CA ARG B 119 20.53 -6.04 -7.18
CA ARG B 119 20.57 -6.04 -7.14
C ARG B 119 20.33 -4.72 -6.44
C ARG B 119 20.34 -4.72 -6.39
N GLU B 120 19.08 -4.40 -6.09
CA GLU B 120 18.80 -3.14 -5.40
C GLU B 120 19.36 -3.14 -3.99
N ALA B 121 19.41 -4.29 -3.33
CA ALA B 121 20.00 -4.33 -1.99
C ALA B 121 21.45 -3.89 -2.01
N LEU B 122 22.19 -4.26 -3.05
CA LEU B 122 23.57 -3.83 -3.19
C LEU B 122 23.65 -2.35 -3.54
N GLU B 123 22.85 -1.91 -4.52
CA GLU B 123 22.93 -0.52 -4.99
C GLU B 123 22.48 0.46 -3.92
N GLU B 124 21.44 0.11 -3.15
CA GLU B 124 20.80 1.06 -2.26
C GLU B 124 21.31 0.99 -0.83
N ALA B 125 21.88 -0.13 -0.43
CA ALA B 125 22.29 -0.32 0.95
C ALA B 125 23.66 -0.95 1.09
N GLY B 126 24.34 -1.28 -0.01
CA GLY B 126 25.62 -1.96 0.06
C GLY B 126 25.55 -3.34 0.68
N LEU B 127 24.42 -4.01 0.58
CA LEU B 127 24.17 -5.25 1.30
C LEU B 127 24.24 -6.45 0.35
N GLU B 128 25.03 -7.44 0.74
CA GLU B 128 24.89 -8.76 0.15
C GLU B 128 23.73 -9.47 0.83
N VAL B 129 22.99 -10.26 0.07
CA VAL B 129 21.82 -10.96 0.58
C VAL B 129 22.08 -12.45 0.51
N GLY B 130 21.79 -13.14 1.61
CA GLY B 130 21.87 -14.60 1.63
C GLY B 130 20.59 -15.22 1.12
N ARG B 131 19.89 -15.93 2.00
CA ARG B 131 18.62 -16.53 1.60
C ARG B 131 17.53 -15.46 1.47
N THR B 132 16.51 -15.78 0.67
CA THR B 132 15.31 -14.97 0.58
C THR B 132 14.07 -15.84 0.72
N LYS B 133 12.98 -15.22 1.15
CA LYS B 133 11.68 -15.88 1.24
C LYS B 133 10.62 -14.87 0.82
N PRO B 134 9.57 -15.30 0.12
CA PRO B 134 8.49 -14.36 -0.20
C PRO B 134 7.72 -13.96 1.05
N ILE B 135 7.33 -12.68 1.07
CA ILE B 135 6.39 -12.18 2.07
C ILE B 135 5.00 -12.19 1.43
N LEU B 136 4.73 -11.23 0.56
CA LEU B 136 3.42 -11.00 -0.03
C LEU B 136 3.63 -10.16 -1.28
N SER B 137 2.68 -10.24 -2.19
CA SER B 137 2.63 -9.38 -3.37
C SER B 137 1.32 -8.62 -3.33
N TYR B 138 1.37 -7.29 -3.44
CA TYR B 138 0.17 -6.49 -3.20
C TYR B 138 -0.01 -5.42 -4.26
N LEU B 139 -1.27 -5.02 -4.45
CA LEU B 139 -1.63 -3.87 -5.27
C LEU B 139 -1.60 -2.63 -4.39
N ALA B 140 -0.78 -1.65 -4.79
CA ALA B 140 -0.59 -0.46 -3.96
C ALA B 140 -1.89 0.31 -3.72
N SER B 141 -2.70 0.50 -4.78
CA SER B 141 -3.91 1.31 -4.65
C SER B 141 -4.75 1.07 -5.90
N PRO B 142 -5.43 -0.08 -5.98
CA PRO B 142 -5.95 -0.53 -7.29
C PRO B 142 -7.17 0.24 -7.78
N GLY B 143 -7.71 1.20 -7.02
CA GLY B 143 -8.73 2.06 -7.58
C GLY B 143 -8.21 3.06 -8.59
N GLY B 144 -6.91 3.32 -8.59
CA GLY B 144 -6.37 4.35 -9.46
C GLY B 144 -5.02 4.03 -10.08
N THR B 145 -4.34 2.96 -9.66
CA THR B 145 -3.05 2.60 -10.24
C THR B 145 -2.98 1.09 -10.38
N SER B 146 -2.31 0.64 -11.44
CA SER B 146 -2.10 -0.79 -11.65
C SER B 146 -0.94 -1.36 -10.84
N GLU B 147 -0.18 -0.52 -10.14
CA GLU B 147 1.09 -0.94 -9.57
C GLU B 147 0.95 -2.11 -8.60
N ARG B 148 1.75 -3.14 -8.84
CA ARG B 148 1.90 -4.28 -7.95
C ARG B 148 3.33 -4.29 -7.44
N LEU B 149 3.50 -4.58 -6.15
CA LEU B 149 4.79 -4.68 -5.51
C LEU B 149 4.91 -6.05 -4.86
N SER B 150 6.03 -6.74 -5.11
CA SER B 150 6.24 -8.09 -4.60
C SER B 150 7.38 -8.02 -3.59
N ILE B 151 7.08 -8.39 -2.34
CA ILE B 151 8.01 -8.23 -1.23
C ILE B 151 8.66 -9.57 -0.92
N LEU B 152 9.98 -9.55 -0.76
CA LEU B 152 10.75 -10.65 -0.20
C LEU B 152 11.38 -10.19 1.11
N VAL B 153 11.64 -11.14 2.01
CA VAL B 153 12.56 -10.89 3.12
C VAL B 153 13.90 -11.48 2.75
N GLY B 154 14.97 -10.74 3.03
CA GLY B 154 16.31 -11.17 2.67
C GLY B 154 17.23 -11.19 3.87
N GLU B 155 18.01 -12.27 3.97
CA GLU B 155 18.93 -12.47 5.07
C GLU B 155 20.18 -11.61 4.87
N VAL B 156 20.46 -10.72 5.83
CA VAL B 156 21.61 -9.84 5.73
C VAL B 156 22.39 -9.84 7.04
N ASP B 157 23.64 -9.37 6.94
CA ASP B 157 24.48 -9.09 8.11
C ASP B 157 24.38 -7.59 8.35
N ALA B 158 23.59 -7.20 9.34
CA ALA B 158 23.34 -5.78 9.57
C ALA B 158 24.58 -5.04 10.06
N SER B 159 25.59 -5.75 10.55
CA SER B 159 26.85 -5.09 10.93
C SER B 159 27.61 -4.57 9.70
N THR B 160 27.26 -5.02 8.50
CA THR B 160 27.88 -4.53 7.28
C THR B 160 27.15 -3.34 6.67
N ALA B 161 26.02 -2.93 7.26
CA ALA B 161 25.15 -1.92 6.67
C ALA B 161 25.50 -0.55 7.24
N LYS B 162 26.00 0.33 6.38
CA LYS B 162 26.30 1.70 6.80
C LYS B 162 26.49 2.56 5.56
N GLY B 163 26.46 3.86 5.78
CA GLY B 163 26.91 4.80 4.77
C GLY B 163 25.83 5.29 3.83
N ILE B 164 26.29 5.94 2.78
CA ILE B 164 25.45 6.58 1.78
C ILE B 164 25.60 5.82 0.47
N HIS B 165 24.47 5.50 -0.16
CA HIS B 165 24.44 4.74 -1.40
C HIS B 165 23.46 5.33 -2.39
N GLY B 166 22.92 4.50 -3.26
CA GLY B 166 22.11 5.00 -4.36
C GLY B 166 22.96 5.42 -5.54
N LEU B 167 22.39 5.28 -6.73
CA LEU B 167 23.08 5.61 -7.97
C LEU B 167 23.14 7.13 -8.11
N ALA B 168 24.33 7.70 -7.91
CA ALA B 168 24.48 9.15 -7.98
C ALA B 168 24.28 9.68 -9.40
N GLU B 169 24.67 8.91 -10.41
CA GLU B 169 24.41 9.29 -11.80
C GLU B 169 22.92 9.23 -12.15
N GLU B 170 22.07 8.89 -11.19
CA GLU B 170 20.63 8.84 -11.40
C GLU B 170 19.89 9.67 -10.34
N ASN B 171 20.59 10.57 -9.66
CA ASN B 171 20.01 11.43 -8.61
C ASN B 171 19.38 10.62 -7.48
N GLU B 172 19.95 9.45 -7.18
CA GLU B 172 19.46 8.57 -6.12
C GLU B 172 20.42 8.72 -4.94
N ASP B 173 19.93 9.32 -3.86
CA ASP B 173 20.74 9.63 -2.69
C ASP B 173 20.10 8.94 -1.48
N ILE B 174 20.77 7.93 -0.94
CA ILE B 174 20.17 7.02 0.02
C ILE B 174 21.09 6.86 1.22
N ARG B 175 20.52 6.92 2.42
CA ARG B 175 21.27 6.71 3.66
C ARG B 175 20.76 5.45 4.35
N VAL B 176 21.69 4.64 4.85
CA VAL B 176 21.36 3.38 5.52
C VAL B 176 21.19 3.61 7.01
N HIS B 177 20.16 2.98 7.57
CA HIS B 177 19.95 2.96 9.01
C HIS B 177 19.80 1.52 9.45
N VAL B 178 20.33 1.20 10.62
CA VAL B 178 20.15 -0.11 11.24
C VAL B 178 19.44 0.10 12.56
N VAL B 179 18.33 -0.61 12.77
CA VAL B 179 17.61 -0.56 14.03
C VAL B 179 17.19 -1.97 14.40
N SER B 180 16.83 -2.14 15.67
CA SER B 180 16.23 -3.41 16.07
C SER B 180 14.90 -3.60 15.38
N ARG B 181 14.51 -4.85 15.17
CA ARG B 181 13.16 -5.13 14.68
C ARG B 181 12.13 -4.45 15.58
N GLU B 182 12.30 -4.56 16.89
CA GLU B 182 11.34 -3.96 17.82
C GLU B 182 11.20 -2.47 17.58
N GLN B 183 12.32 -1.77 17.38
CA GLN B 183 12.26 -0.33 17.13
C GLN B 183 11.57 -0.03 15.81
N ALA B 184 11.90 -0.78 14.76
CA ALA B 184 11.26 -0.54 13.47
C ALA B 184 9.75 -0.72 13.58
N TYR B 185 9.32 -1.78 14.25
CA TYR B 185 7.89 -1.99 14.40
C TYR B 185 7.24 -0.91 15.26
N GLN B 186 7.91 -0.49 16.35
CA GLN B 186 7.35 0.61 17.13
C GLN B 186 7.20 1.87 16.27
N TRP B 187 8.13 2.09 15.35
CA TRP B 187 8.01 3.24 14.45
C TRP B 187 6.81 3.09 13.51
N VAL B 188 6.47 1.87 13.11
CA VAL B 188 5.22 1.68 12.38
C VAL B 188 4.03 2.07 13.24
N GLU B 189 4.02 1.59 14.50
CA GLU B 189 2.90 1.90 15.38
C GLU B 189 2.78 3.39 15.61
N GLU B 190 3.90 4.09 15.70
CA GLU B 190 3.93 5.52 15.98
C GLU B 190 3.71 6.38 14.75
N GLY B 191 3.69 5.79 13.55
CA GLY B 191 3.55 6.55 12.33
C GLY B 191 4.84 7.15 11.78
N LYS B 192 5.98 6.82 12.37
CA LYS B 192 7.27 7.29 11.86
C LYS B 192 7.70 6.53 10.61
N ILE B 193 7.24 5.29 10.46
CA ILE B 193 7.34 4.56 9.21
C ILE B 193 5.91 4.38 8.74
N ASP B 194 5.59 4.94 7.57
CA ASP B 194 4.21 4.99 7.13
C ASP B 194 4.05 4.88 5.63
N ASN B 195 4.98 4.24 4.95
CA ASN B 195 4.79 3.89 3.54
C ASN B 195 4.36 2.44 3.44
N ALA B 196 3.46 2.15 2.50
CA ALA B 196 2.80 0.84 2.44
C ALA B 196 3.79 -0.32 2.46
N ALA B 197 4.85 -0.25 1.64
CA ALA B 197 5.74 -1.40 1.52
C ALA B 197 6.38 -1.73 2.86
N SER B 198 6.82 -0.70 3.59
CA SER B 198 7.48 -0.92 4.87
C SER B 198 6.49 -1.34 5.94
N VAL B 199 5.29 -0.75 5.94
CA VAL B 199 4.28 -1.16 6.91
C VAL B 199 3.94 -2.64 6.73
N ILE B 200 3.68 -3.05 5.48
CA ILE B 200 3.32 -4.45 5.21
C ILE B 200 4.47 -5.38 5.59
N ALA B 201 5.69 -5.05 5.17
CA ALA B 201 6.82 -5.93 5.45
C ALA B 201 7.08 -6.05 6.94
N LEU B 202 7.01 -4.94 7.68
CA LEU B 202 7.32 -4.96 9.11
C LEU B 202 6.20 -5.56 9.94
N GLN B 203 4.94 -5.36 9.55
N GLN B 203 4.94 -5.39 9.53
CA GLN B 203 3.86 -6.11 10.18
CA GLN B 203 3.88 -6.12 10.22
C GLN B 203 4.07 -7.60 10.00
C GLN B 203 4.00 -7.62 9.98
N TRP B 204 4.34 -8.01 8.75
CA TRP B 204 4.61 -9.42 8.48
C TRP B 204 5.75 -9.93 9.35
N LEU B 205 6.83 -9.14 9.46
CA LEU B 205 7.96 -9.57 10.28
C LEU B 205 7.55 -9.71 11.73
N GLN B 206 6.73 -8.80 12.22
CA GLN B 206 6.27 -8.88 13.60
C GLN B 206 5.48 -10.16 13.84
N LEU B 207 4.75 -10.64 12.83
CA LEU B 207 3.99 -11.88 12.93
C LEU B 207 4.83 -13.14 12.71
N HIS B 208 5.98 -13.04 12.03
CA HIS B 208 6.70 -14.22 11.61
C HIS B 208 8.14 -14.32 12.10
N TYR B 209 8.64 -13.33 12.86
CA TYR B 209 10.08 -13.28 13.11
C TYR B 209 10.58 -14.46 13.94
N HIS B 210 9.78 -14.98 14.87
CA HIS B 210 10.27 -16.05 15.71
C HIS B 210 10.60 -17.28 14.89
N ASN B 211 9.67 -17.69 14.02
CA ASN B 211 9.94 -18.83 13.15
C ASN B 211 11.05 -18.51 12.15
N LEU B 212 11.11 -17.28 11.65
CA LEU B 212 12.13 -16.92 10.67
C LEU B 212 13.52 -16.97 11.28
N ARG B 213 13.67 -16.46 12.51
CA ARG B 213 14.98 -16.51 13.16
C ARG B 213 15.42 -17.95 13.40
N ASN B 214 14.49 -18.81 13.83
CA ASN B 214 14.81 -20.23 13.99
C ASN B 214 15.25 -20.84 12.66
N GLU B 215 14.55 -20.52 11.58
CA GLU B 215 14.87 -21.11 10.28
C GLU B 215 16.24 -20.67 9.79
N TRP B 216 16.59 -19.41 9.98
CA TRP B 216 17.79 -18.88 9.37
C TRP B 216 19.04 -18.93 10.26
N THR B 217 18.91 -19.29 11.54
CA THR B 217 20.10 -19.44 12.37
C THR B 217 20.43 -20.90 12.66
N LYS B 218 19.69 -21.83 12.05
CA LYS B 218 19.90 -23.25 12.28
C LYS B 218 21.33 -23.66 11.92
PB GDP C . -14.84 6.24 -3.43
PB GDP C . -12.73 4.27 -3.89
O1B GDP C . -15.32 7.45 -2.66
O1B GDP C . -13.41 5.55 -3.48
O2B GDP C . -13.33 6.19 -3.37
O2B GDP C . -11.35 4.23 -3.31
O3B GDP C . -15.43 4.99 -2.82
O3B GDP C . -13.52 3.09 -3.38
O3A GDP C . -15.30 6.36 -4.96
O3A GDP C . -12.63 4.22 -5.49
PA GDP C . -14.97 5.20 -6.03
PA GDP C . -13.95 4.29 -6.41
O1A GDP C . -13.60 5.41 -6.62
O1A GDP C . -13.63 3.95 -7.85
O2A GDP C . -15.07 3.83 -5.43
O2A GDP C . -15.05 3.40 -5.90
O5' GDP C . -16.10 5.43 -7.15
O5' GDP C . -14.38 5.84 -6.30
C5' GDP C . -17.29 6.13 -6.79
C5' GDP C . -15.69 6.19 -5.86
C4' GDP C . -17.27 7.45 -7.54
C4' GDP C . -16.39 6.93 -6.98
O4' GDP C . -15.93 7.75 -7.93
O4' GDP C . -15.43 7.70 -7.71
C3' GDP C . -18.10 7.40 -8.81
C3' GDP C . -17.02 5.94 -7.94
O3' GDP C . -19.06 8.44 -8.78
O3' GDP C . -18.44 5.96 -7.82
C2' GDP C . -17.14 7.67 -9.95
C2' GDP C . -16.60 6.40 -9.34
O2' GDP C . -17.70 8.62 -10.85
O2' GDP C . -17.76 6.77 -10.10
C1' GDP C . -15.91 8.23 -9.27
C1' GDP C . -15.72 7.61 -9.11
N9 GDP C . -14.66 7.86 -10.00
N9 GDP C . -14.47 7.51 -9.91
C8 GDP C . -13.60 7.19 -9.50
C8 GDP C . -13.28 7.02 -9.50
N7 GDP C . -12.64 7.03 -10.44
N7 GDP C . -12.36 7.06 -10.50
C5 GDP C . -13.09 7.60 -11.58
C5 GDP C . -12.95 7.60 -11.58
C6 GDP C . -12.59 7.80 -12.96
C6 GDP C . -12.56 7.94 -12.97
O6 GDP C . -11.47 7.38 -13.31
O6 GDP C . -11.40 7.73 -13.39
N1 GDP C . -13.37 8.46 -13.82
N1 GDP C . -13.49 8.48 -13.77
C2 GDP C . -14.59 8.93 -13.49
C2 GDP C . -14.75 8.72 -13.36
N2 GDP C . -15.32 9.58 -14.43
N2 GDP C . -15.62 9.27 -14.23
N3 GDP C . -15.11 8.79 -12.24
N3 GDP C . -15.18 8.43 -12.10
C4 GDP C . -14.41 8.14 -11.27
C4 GDP C . -14.34 7.89 -11.18
MG MG D . -15.05 2.63 -2.03
MG MG E . -17.94 4.38 -2.07
PB GDP F . 12.06 3.22 -6.64
PB GDP F . 13.77 2.31 -8.51
O1B GDP F . 12.74 2.46 -7.75
O1B GDP F . 14.48 1.46 -9.54
O2B GDP F . 10.74 2.54 -6.34
O2B GDP F . 12.38 1.77 -8.33
O3B GDP F . 12.91 3.20 -5.40
O3B GDP F . 14.54 2.27 -7.22
O3A GDP F . 11.81 4.73 -7.14
O3A GDP F . 13.66 3.83 -9.06
PA GDP F . 13.03 5.64 -7.67
PA GDP F . 13.72 5.10 -8.07
O1A GDP F . 12.71 7.11 -7.52
O1A GDP F . 12.78 6.17 -8.52
O2A GDP F . 14.33 5.33 -6.98
O2A GDP F . 13.43 4.74 -6.64
O5' GDP F . 13.14 5.24 -9.23
O5' GDP F . 15.25 5.58 -8.25
C5' GDP F . 14.35 4.63 -9.69
C5' GDP F . 15.54 6.84 -8.86
C4' GDP F . 14.92 5.49 -10.80
C4' GDP F . 15.59 6.57 -10.36
O4' GDP F . 13.86 5.86 -11.68
O4' GDP F . 14.25 6.51 -10.87
C3' GDP F . 15.53 6.76 -10.23
C3' GDP F . 16.32 7.66 -11.12
O3' GDP F . 16.94 6.78 -10.49
O3' GDP F . 17.19 7.05 -12.06
C2' GDP F . 14.85 7.91 -10.95
C2' GDP F . 15.26 8.40 -11.90
O2' GDP F . 15.82 8.75 -11.59
O2' GDP F . 15.73 8.70 -13.22
C1' GDP F . 13.96 7.26 -12.00
C1' GDP F . 14.10 7.42 -11.97
N9 GDP F . 12.61 7.89 -12.01
N9 GDP F . 12.78 8.08 -11.91
C8 GDP F . 11.48 7.35 -11.52
C8 GDP F . 11.72 7.66 -11.20
N7 GDP F . 10.43 8.20 -11.69
N7 GDP F . 10.65 8.48 -11.38
C5 GDP F . 10.91 9.31 -12.29
C5 GDP F . 11.03 9.46 -12.22
C6 GDP F . 10.35 10.60 -12.76
C6 GDP F . 10.40 10.64 -12.82
O6 GDP F . 9.14 10.88 -12.64
O6 GDP F . 9.21 10.95 -12.58
N1 GDP F . 11.20 11.46 -13.33
N1 GDP F . 11.13 11.38 -13.64
C2 GDP F . 12.51 11.21 -13.49
C2 GDP F . 12.42 11.11 -13.94
N2 GDP F . 13.28 12.16 -14.08
N2 GDP F . 13.07 11.94 -14.79
N3 GDP F . 13.08 10.06 -13.09
N3 GDP F . 13.06 10.04 -13.43
C4 GDP F . 12.35 9.09 -12.49
C4 GDP F . 12.43 9.19 -12.58
MG MG G . 17.23 1.79 -6.66
MG MG H . 14.48 2.31 -4.71
#